data_6ZMY
#
_entry.id   6ZMY
#
_cell.length_a   58.580
_cell.length_b   80.520
_cell.length_c   64.420
_cell.angle_alpha   90.000
_cell.angle_beta   96.300
_cell.angle_gamma   90.000
#
_symmetry.space_group_name_H-M   'P 1 21 1'
#
loop_
_entity.id
_entity.type
_entity.pdbx_description
1 polymer 'Hemoglobin subunit alpha-A'
2 polymer 'Hemoglobin beta chain'
3 non-polymer 'PROTOPORPHYRIN IX CONTAINING FE'
4 water water
#
loop_
_entity_poly.entity_id
_entity_poly.type
_entity_poly.pdbx_seq_one_letter_code
_entity_poly.pdbx_strand_id
1 'polypeptide(L)'
;VLSAADKNNVKGIFTKIAGHAEEYGAETLERMFITYPPTKTYFPHFDLSHGSAQIKGHGKKVVAALIEAANHIDDIAGTL
SKLSDLHAHKLRVDPVNFKLLGQCFLVVVAIHHPAALTPEVHASLDKFLCAVGTVLTAKYR
;
A,C
2 'polypeptide(L)'
;VHWSAEEKQLITGLWGKVNVADCGAEALARLLIVYPWTQRFFASFGNLSSPTAILGNPMVRAHGKKVLTSFGDAVKNLDN
IKNTFSQLSELHCDKLHVDPENFRLLGDILIIVLAAHFSKDFTPECQAAWQKLVRVVAHALARKYH
;
B,D
#
loop_
_chem_comp.id
_chem_comp.type
_chem_comp.name
_chem_comp.formula
HEM non-polymer 'PROTOPORPHYRIN IX CONTAINING FE' 'C34 H32 Fe N4 O4'
#
# COMPACT_ATOMS: atom_id res chain seq x y z
N VAL A 1 -4.25 2.69 -16.13
CA VAL A 1 -4.61 2.95 -17.52
C VAL A 1 -3.44 2.59 -18.44
N LEU A 2 -3.59 1.53 -19.23
CA LEU A 2 -2.50 1.07 -20.09
C LEU A 2 -2.48 1.90 -21.37
N SER A 3 -1.34 2.53 -21.65
CA SER A 3 -1.18 3.28 -22.87
C SER A 3 -0.98 2.33 -24.06
N ALA A 4 -0.93 2.93 -25.26
CA ALA A 4 -0.68 2.15 -26.46
C ALA A 4 0.71 1.54 -26.45
N ALA A 5 1.71 2.31 -25.98
CA ALA A 5 3.05 1.76 -25.82
C ALA A 5 3.07 0.66 -24.78
N ASP A 6 2.33 0.84 -23.68
CA ASP A 6 2.24 -0.19 -22.65
C ASP A 6 1.77 -1.52 -23.23
N LYS A 7 0.66 -1.51 -23.98
CA LYS A 7 0.13 -2.75 -24.54
C LYS A 7 1.12 -3.41 -25.48
N ASN A 8 1.83 -2.60 -26.28
CA ASN A 8 2.87 -3.11 -27.16
C ASN A 8 3.98 -3.80 -26.38
N ASN A 9 4.47 -3.14 -25.32
CA ASN A 9 5.52 -3.75 -24.50
C ASN A 9 5.05 -5.06 -23.87
N VAL A 10 3.83 -5.09 -23.35
CA VAL A 10 3.31 -6.30 -22.66
C VAL A 10 3.16 -7.47 -23.63
N LYS A 11 2.53 -7.23 -24.78
CA LYS A 11 2.36 -8.31 -25.77
C LYS A 11 3.71 -8.76 -26.29
N GLY A 12 4.64 -7.84 -26.45
CA GLY A 12 5.98 -8.21 -26.91
C GLY A 12 6.61 -9.25 -26.01
N ILE A 13 6.73 -8.95 -24.72
CA ILE A 13 7.46 -9.89 -23.82
C ILE A 13 6.61 -11.14 -23.60
N PHE A 14 5.28 -11.03 -23.73
CA PHE A 14 4.39 -12.19 -23.52
C PHE A 14 4.54 -13.18 -24.68
N THR A 15 5.16 -12.77 -25.78
CA THR A 15 5.45 -13.75 -26.87
C THR A 15 6.55 -14.70 -26.43
N LYS A 16 7.43 -14.29 -25.52
CA LYS A 16 8.44 -15.24 -25.03
C LYS A 16 7.84 -16.05 -23.89
N ILE A 17 6.80 -15.52 -23.23
CA ILE A 17 6.24 -16.26 -22.10
C ILE A 17 5.36 -17.40 -22.59
N ALA A 18 4.58 -17.16 -23.65
CA ALA A 18 3.73 -18.20 -24.22
C ALA A 18 4.57 -19.43 -24.54
N GLY A 19 4.00 -20.60 -24.30
CA GLY A 19 4.72 -21.84 -24.50
C GLY A 19 5.58 -22.29 -23.33
N HIS A 20 5.76 -21.45 -22.31
CA HIS A 20 6.39 -21.86 -21.07
C HIS A 20 5.46 -21.66 -19.88
N ALA A 21 4.14 -21.71 -20.11
CA ALA A 21 3.19 -21.39 -19.05
C ALA A 21 3.40 -22.24 -17.81
N GLU A 22 3.49 -23.56 -17.99
CA GLU A 22 3.67 -24.45 -16.84
C GLU A 22 4.98 -24.17 -16.13
N GLU A 23 6.08 -24.11 -16.87
CA GLU A 23 7.39 -23.90 -16.23
C GLU A 23 7.43 -22.55 -15.51
N TYR A 24 7.02 -21.47 -16.17
CA TYR A 24 7.12 -20.12 -15.54
C TYR A 24 6.13 -19.97 -14.38
N GLY A 25 4.94 -20.54 -14.50
CA GLY A 25 3.92 -20.46 -13.44
C GLY A 25 4.33 -21.25 -12.21
N ALA A 26 4.85 -22.46 -12.42
CA ALA A 26 5.33 -23.28 -11.30
C ALA A 26 6.46 -22.53 -10.59
N GLU A 27 7.36 -21.94 -11.36
CA GLU A 27 8.50 -21.23 -10.73
C GLU A 27 8.01 -19.97 -10.00
N THR A 28 7.01 -19.30 -10.54
N THR A 28 7.02 -19.30 -10.56
CA THR A 28 6.49 -18.08 -9.89
CA THR A 28 6.49 -18.08 -9.89
C THR A 28 5.86 -18.44 -8.54
C THR A 28 5.88 -18.46 -8.53
N LEU A 29 5.14 -19.56 -8.49
CA LEU A 29 4.49 -19.99 -7.22
C LEU A 29 5.56 -20.45 -6.24
N GLU A 30 6.52 -21.24 -6.71
CA GLU A 30 7.56 -21.72 -5.76
C GLU A 30 8.30 -20.52 -5.17
N ARG A 31 8.59 -19.53 -6.00
CA ARG A 31 9.24 -18.32 -5.45
C ARG A 31 8.33 -17.62 -4.44
N MET A 32 7.06 -17.49 -4.74
CA MET A 32 6.17 -16.83 -3.77
C MET A 32 6.16 -17.59 -2.44
N PHE A 33 5.95 -18.91 -2.51
CA PHE A 33 5.84 -19.72 -1.27
C PHE A 33 7.12 -19.66 -0.44
N ILE A 34 8.30 -19.58 -1.05
CA ILE A 34 9.55 -19.54 -0.23
C ILE A 34 9.89 -18.09 0.13
N THR A 35 9.65 -17.17 -0.68
N THR A 35 9.64 -17.18 -0.68
CA THR A 35 10.02 -15.77 -0.36
CA THR A 35 10.00 -15.77 -0.36
C THR A 35 9.02 -15.16 0.63
C THR A 35 9.01 -15.20 0.65
N TYR A 36 7.84 -15.44 0.47
CA TYR A 36 6.68 -14.99 1.29
C TYR A 36 5.91 -16.20 1.83
N PRO A 37 6.44 -16.88 2.87
CA PRO A 37 5.82 -18.08 3.44
C PRO A 37 4.35 -17.96 3.85
N PRO A 38 3.85 -16.82 4.36
CA PRO A 38 2.45 -16.67 4.70
C PRO A 38 1.47 -16.92 3.54
N THR A 39 1.89 -16.69 2.30
CA THR A 39 1.06 -16.95 1.11
C THR A 39 0.65 -18.44 1.06
N LYS A 40 1.37 -19.33 1.74
CA LYS A 40 0.98 -20.74 1.71
C LYS A 40 -0.37 -20.98 2.39
N THR A 41 -0.86 -20.02 3.19
N THR A 41 -0.85 -20.00 3.19
CA THR A 41 -2.08 -20.26 3.93
CA THR A 41 -2.08 -20.18 3.94
C THR A 41 -3.31 -20.29 3.04
C THR A 41 -3.28 -20.32 3.02
N TYR A 42 -3.20 -19.82 1.80
CA TYR A 42 -4.31 -19.94 0.88
C TYR A 42 -4.38 -21.32 0.24
N PHE A 43 -3.37 -22.14 0.44
CA PHE A 43 -3.30 -23.42 -0.27
C PHE A 43 -3.20 -24.60 0.69
N PRO A 44 -3.97 -24.63 1.78
CA PRO A 44 -3.84 -25.76 2.72
C PRO A 44 -4.14 -27.09 2.09
N HIS A 45 -4.93 -27.12 1.01
CA HIS A 45 -5.28 -28.37 0.35
C HIS A 45 -4.19 -28.86 -0.60
N PHE A 46 -3.11 -28.10 -0.78
CA PHE A 46 -2.07 -28.41 -1.76
C PHE A 46 -0.93 -29.21 -1.13
N ASP A 47 -0.38 -30.14 -1.92
CA ASP A 47 1.00 -30.55 -1.72
C ASP A 47 1.90 -29.41 -2.18
N LEU A 48 2.65 -28.83 -1.25
CA LEU A 48 3.47 -27.64 -1.53
C LEU A 48 4.95 -27.96 -1.51
N SER A 49 5.32 -29.24 -1.58
CA SER A 49 6.72 -29.58 -1.77
C SER A 49 7.15 -29.20 -3.18
N HIS A 50 8.45 -28.98 -3.35
CA HIS A 50 8.94 -28.50 -4.63
C HIS A 50 8.75 -29.57 -5.70
N GLY A 51 8.23 -29.15 -6.85
CA GLY A 51 7.99 -30.06 -7.94
C GLY A 51 6.69 -30.85 -7.84
N SER A 52 5.84 -30.53 -6.87
CA SER A 52 4.58 -31.24 -6.73
C SER A 52 3.68 -30.99 -7.92
N ALA A 53 2.79 -31.96 -8.18
CA ALA A 53 1.95 -31.89 -9.38
C ALA A 53 0.89 -30.81 -9.26
N GLN A 54 0.37 -30.57 -8.06
CA GLN A 54 -0.64 -29.52 -7.88
C GLN A 54 -0.05 -28.15 -8.21
N ILE A 55 1.18 -27.91 -7.79
CA ILE A 55 1.81 -26.59 -8.07
C ILE A 55 1.98 -26.44 -9.59
N LYS A 56 2.50 -27.47 -10.26
CA LYS A 56 2.73 -27.34 -11.69
C LYS A 56 1.42 -27.13 -12.44
N GLY A 57 0.38 -27.87 -12.06
CA GLY A 57 -0.91 -27.67 -12.70
C GLY A 57 -1.49 -26.29 -12.38
N HIS A 58 -1.34 -25.83 -11.15
CA HIS A 58 -1.89 -24.53 -10.79
C HIS A 58 -1.10 -23.40 -11.44
N GLY A 59 0.23 -23.52 -11.45
CA GLY A 59 1.06 -22.53 -12.11
C GLY A 59 0.71 -22.35 -13.57
N LYS A 60 0.47 -23.45 -14.28
CA LYS A 60 0.06 -23.38 -15.67
C LYS A 60 -1.23 -22.61 -15.83
N LYS A 61 -2.21 -22.84 -14.96
CA LYS A 61 -3.48 -22.12 -15.07
C LYS A 61 -3.31 -20.63 -14.80
N VAL A 62 -2.44 -20.27 -13.85
CA VAL A 62 -2.24 -18.86 -13.55
C VAL A 62 -1.65 -18.13 -14.75
N VAL A 63 -0.62 -18.70 -15.37
CA VAL A 63 0.00 -18.00 -16.49
C VAL A 63 -0.93 -18.01 -17.70
N ALA A 64 -1.73 -19.08 -17.85
CA ALA A 64 -2.70 -19.12 -18.94
C ALA A 64 -3.73 -18.00 -18.80
N ALA A 65 -4.14 -17.69 -17.56
CA ALA A 65 -5.07 -16.58 -17.36
C ALA A 65 -4.43 -15.23 -17.68
N LEU A 66 -3.13 -15.09 -17.38
CA LEU A 66 -2.42 -13.87 -17.76
C LEU A 66 -2.36 -13.72 -19.27
N ILE A 67 -2.05 -14.81 -19.98
CA ILE A 67 -1.95 -14.74 -21.44
C ILE A 67 -3.29 -14.38 -22.05
N GLU A 68 -4.38 -14.87 -21.44
CA GLU A 68 -5.73 -14.53 -21.92
C GLU A 68 -6.09 -13.08 -21.63
N ALA A 69 -5.59 -12.54 -20.52
CA ALA A 69 -5.77 -11.11 -20.27
C ALA A 69 -4.92 -10.27 -21.22
N ALA A 70 -3.77 -10.79 -21.64
CA ALA A 70 -2.95 -10.04 -22.59
C ALA A 70 -3.61 -10.02 -23.97
N ASN A 71 -4.19 -11.15 -24.38
CA ASN A 71 -4.87 -11.23 -25.68
C ASN A 71 -6.15 -10.40 -25.71
N HIS A 72 -6.66 -9.98 -24.55
CA HIS A 72 -7.83 -9.11 -24.46
C HIS A 72 -7.51 -7.92 -23.56
N ILE A 73 -6.36 -7.29 -23.82
CA ILE A 73 -5.82 -6.27 -22.92
C ILE A 73 -6.69 -5.03 -22.87
N ASP A 74 -7.61 -4.85 -23.82
CA ASP A 74 -8.51 -3.71 -23.79
C ASP A 74 -9.65 -3.88 -22.79
N ASP A 75 -9.98 -5.13 -22.42
CA ASP A 75 -11.06 -5.41 -21.46
C ASP A 75 -10.61 -6.57 -20.57
N ILE A 76 -9.79 -6.24 -19.57
CA ILE A 76 -9.30 -7.25 -18.64
C ILE A 76 -10.39 -7.65 -17.66
N ALA A 77 -11.19 -6.68 -17.20
CA ALA A 77 -12.25 -6.97 -16.24
C ALA A 77 -13.22 -8.01 -16.78
N GLY A 78 -13.54 -7.92 -18.07
CA GLY A 78 -14.45 -8.90 -18.66
C GLY A 78 -13.81 -10.25 -18.85
N THR A 79 -12.53 -10.28 -19.24
CA THR A 79 -11.85 -11.55 -19.47
C THR A 79 -11.68 -12.35 -18.18
N LEU A 80 -11.41 -11.66 -17.07
CA LEU A 80 -11.11 -12.32 -15.79
C LEU A 80 -12.24 -12.16 -14.79
N SER A 81 -13.47 -11.99 -15.27
CA SER A 81 -14.57 -11.58 -14.40
C SER A 81 -14.91 -12.68 -13.37
N LYS A 82 -14.90 -13.95 -13.80
CA LYS A 82 -15.26 -15.06 -12.87
C LYS A 82 -14.09 -15.35 -11.93
N LEU A 83 -12.88 -15.01 -12.34
CA LEU A 83 -11.71 -15.20 -11.45
C LEU A 83 -11.85 -14.18 -10.29
N SER A 84 -12.39 -12.99 -10.56
CA SER A 84 -12.56 -11.97 -9.50
C SER A 84 -13.47 -12.55 -8.41
N ASP A 85 -14.59 -13.14 -8.82
CA ASP A 85 -15.50 -13.72 -7.84
C ASP A 85 -14.80 -14.77 -6.99
N LEU A 86 -13.98 -15.58 -7.62
CA LEU A 86 -13.28 -16.63 -6.87
C LEU A 86 -12.30 -16.01 -5.85
N HIS A 87 -11.47 -15.05 -6.27
CA HIS A 87 -10.41 -14.52 -5.36
C HIS A 87 -10.95 -13.54 -4.31
N ALA A 88 -11.87 -12.68 -4.71
CA ALA A 88 -12.36 -11.64 -3.79
C ALA A 88 -13.48 -12.15 -2.88
N HIS A 89 -14.43 -12.87 -3.45
CA HIS A 89 -15.61 -13.33 -2.68
C HIS A 89 -15.39 -14.67 -2.00
N LYS A 90 -14.93 -15.68 -2.74
CA LYS A 90 -14.80 -17.00 -2.13
C LYS A 90 -13.51 -17.13 -1.34
N LEU A 91 -12.39 -16.75 -1.94
CA LEU A 91 -11.09 -16.99 -1.30
C LEU A 91 -10.71 -15.90 -0.29
N ARG A 92 -11.22 -14.69 -0.46
CA ARG A 92 -10.87 -13.55 0.40
C ARG A 92 -9.37 -13.34 0.44
N VAL A 93 -8.75 -13.31 -0.74
CA VAL A 93 -7.31 -13.08 -0.81
C VAL A 93 -7.02 -11.64 -0.41
N ASP A 94 -6.21 -11.47 0.61
CA ASP A 94 -5.77 -10.13 1.01
C ASP A 94 -5.10 -9.44 -0.17
N PRO A 95 -5.48 -8.20 -0.51
CA PRO A 95 -4.92 -7.55 -1.70
C PRO A 95 -3.42 -7.43 -1.68
N VAL A 96 -2.75 -7.47 -0.52
CA VAL A 96 -1.31 -7.33 -0.54
C VAL A 96 -0.66 -8.50 -1.27
N ASN A 97 -1.37 -9.63 -1.40
CA ASN A 97 -0.75 -10.83 -1.96
C ASN A 97 -0.59 -10.74 -3.48
N PHE A 98 -1.42 -9.96 -4.15
CA PHE A 98 -1.25 -9.87 -5.60
C PHE A 98 0.03 -9.15 -5.98
N LYS A 99 0.51 -8.24 -5.13
CA LYS A 99 1.82 -7.62 -5.34
C LYS A 99 2.95 -8.61 -5.12
N LEU A 100 2.78 -9.54 -4.17
CA LEU A 100 3.84 -10.53 -3.93
C LEU A 100 3.98 -11.48 -5.12
N LEU A 101 2.84 -11.98 -5.63
CA LEU A 101 2.87 -12.84 -6.82
C LEU A 101 3.42 -12.10 -8.03
N GLY A 102 2.99 -10.86 -8.24
CA GLY A 102 3.51 -10.07 -9.36
C GLY A 102 5.02 -9.85 -9.27
N GLN A 103 5.52 -9.58 -8.07
CA GLN A 103 6.97 -9.49 -7.88
C GLN A 103 7.68 -10.76 -8.33
N CYS A 104 7.18 -11.90 -7.84
N CYS A 104 7.18 -11.90 -7.85
CA CYS A 104 7.79 -13.22 -8.18
CA CYS A 104 7.79 -13.20 -8.19
C CYS A 104 7.75 -13.44 -9.70
C CYS A 104 7.74 -13.44 -9.70
N PHE A 105 6.64 -13.06 -10.35
CA PHE A 105 6.55 -13.27 -11.81
C PHE A 105 7.62 -12.44 -12.52
N LEU A 106 7.79 -11.18 -12.14
CA LEU A 106 8.81 -10.34 -12.80
C LEU A 106 10.19 -10.96 -12.53
N VAL A 107 10.39 -11.53 -11.36
CA VAL A 107 11.67 -12.16 -11.08
C VAL A 107 11.92 -13.30 -12.07
N VAL A 108 10.89 -14.12 -12.33
CA VAL A 108 11.04 -15.21 -13.29
C VAL A 108 11.33 -14.66 -14.68
N VAL A 109 10.63 -13.61 -15.10
CA VAL A 109 10.87 -13.04 -16.43
C VAL A 109 12.28 -12.49 -16.54
N ALA A 110 12.77 -11.85 -15.47
CA ALA A 110 14.14 -11.32 -15.47
C ALA A 110 15.19 -12.42 -15.53
N ILE A 111 14.94 -13.55 -14.85
CA ILE A 111 15.87 -14.66 -14.85
C ILE A 111 16.02 -15.24 -16.26
N HIS A 112 14.92 -15.36 -17.00
CA HIS A 112 14.91 -16.07 -18.26
C HIS A 112 15.02 -15.17 -19.48
N HIS A 113 14.61 -13.92 -19.36
CA HIS A 113 14.57 -13.00 -20.50
C HIS A 113 15.07 -11.63 -20.06
N PRO A 114 16.29 -11.56 -19.49
CA PRO A 114 16.74 -10.27 -18.95
C PRO A 114 16.86 -9.18 -20.00
N ALA A 115 17.30 -9.52 -21.21
CA ALA A 115 17.44 -8.52 -22.27
C ALA A 115 16.09 -8.01 -22.75
N ALA A 116 15.05 -8.85 -22.69
CA ALA A 116 13.72 -8.41 -23.08
C ALA A 116 13.08 -7.53 -22.01
N LEU A 117 13.50 -7.70 -20.75
CA LEU A 117 12.91 -6.96 -19.62
C LEU A 117 13.68 -5.66 -19.39
N THR A 118 13.63 -4.80 -20.39
CA THR A 118 14.23 -3.45 -20.29
C THR A 118 13.42 -2.61 -19.29
N PRO A 119 13.95 -1.47 -18.82
CA PRO A 119 13.22 -0.64 -17.86
C PRO A 119 11.81 -0.25 -18.31
N GLU A 120 11.68 0.06 -19.60
CA GLU A 120 10.38 0.41 -20.19
C GLU A 120 9.44 -0.79 -20.18
N VAL A 121 9.95 -1.96 -20.53
CA VAL A 121 9.10 -3.18 -20.55
C VAL A 121 8.71 -3.53 -19.11
N HIS A 122 9.65 -3.37 -18.19
CA HIS A 122 9.37 -3.62 -16.76
C HIS A 122 8.24 -2.69 -16.28
N ALA A 123 8.31 -1.42 -16.64
CA ALA A 123 7.27 -0.45 -16.23
C ALA A 123 5.90 -0.88 -16.76
N SER A 124 5.84 -1.26 -18.03
CA SER A 124 4.56 -1.63 -18.61
C SER A 124 4.02 -2.92 -18.00
N LEU A 125 4.88 -3.93 -17.85
CA LEU A 125 4.48 -5.18 -17.20
C LEU A 125 4.01 -4.94 -15.77
N ASP A 126 4.63 -3.98 -15.10
CA ASP A 126 4.17 -3.68 -13.72
C ASP A 126 2.75 -3.11 -13.76
N LYS A 127 2.46 -2.23 -14.71
CA LYS A 127 1.09 -1.68 -14.81
C LYS A 127 0.10 -2.81 -15.12
N PHE A 128 0.46 -3.70 -16.03
CA PHE A 128 -0.43 -4.83 -16.39
C PHE A 128 -0.71 -5.68 -15.15
N LEU A 129 0.33 -6.07 -14.42
CA LEU A 129 0.10 -6.90 -13.26
C LEU A 129 -0.74 -6.17 -12.21
N CYS A 130 -0.55 -4.86 -12.07
N CYS A 130 -0.56 -4.87 -12.06
CA CYS A 130 -1.37 -4.12 -11.10
CA CYS A 130 -1.36 -4.13 -11.10
C CYS A 130 -2.81 -4.07 -11.54
C CYS A 130 -2.82 -4.05 -11.54
N ALA A 131 -3.05 -3.91 -12.85
CA ALA A 131 -4.42 -3.93 -13.35
C ALA A 131 -5.09 -5.28 -13.11
N VAL A 132 -4.38 -6.38 -13.38
CA VAL A 132 -4.93 -7.71 -13.09
C VAL A 132 -5.25 -7.83 -11.61
N GLY A 133 -4.33 -7.39 -10.76
CA GLY A 133 -4.60 -7.39 -9.33
C GLY A 133 -5.83 -6.60 -8.95
N THR A 134 -6.04 -5.44 -9.59
CA THR A 134 -7.24 -4.64 -9.32
C THR A 134 -8.50 -5.40 -9.68
N VAL A 135 -8.52 -6.03 -10.86
CA VAL A 135 -9.67 -6.82 -11.28
C VAL A 135 -9.93 -7.96 -10.28
N LEU A 136 -8.88 -8.72 -9.94
CA LEU A 136 -9.09 -9.91 -9.11
C LEU A 136 -9.47 -9.58 -7.67
N THR A 137 -9.26 -8.34 -7.22
CA THR A 137 -9.68 -7.91 -5.89
C THR A 137 -10.99 -7.13 -5.89
N ALA A 138 -11.55 -6.79 -7.06
CA ALA A 138 -12.68 -5.86 -7.11
C ALA A 138 -13.99 -6.45 -6.61
N LYS A 139 -13.97 -7.69 -6.13
CA LYS A 139 -15.19 -8.42 -5.66
C LYS A 139 -16.29 -8.24 -6.70
N VAL B 1 15.67 -9.35 14.31
CA VAL B 1 15.71 -10.34 13.23
C VAL B 1 16.93 -11.23 13.43
N HIS B 2 16.74 -12.52 13.16
CA HIS B 2 17.80 -13.55 13.25
C HIS B 2 18.23 -13.96 11.85
N TRP B 3 19.52 -14.22 11.63
CA TRP B 3 20.04 -14.66 10.35
C TRP B 3 20.54 -16.10 10.47
N SER B 4 19.98 -16.99 9.65
CA SER B 4 20.46 -18.35 9.63
C SER B 4 21.85 -18.43 8.99
N ALA B 5 22.53 -19.54 9.25
CA ALA B 5 23.82 -19.77 8.60
C ALA B 5 23.70 -19.73 7.09
N GLU B 6 22.63 -20.32 6.56
CA GLU B 6 22.42 -20.39 5.10
C GLU B 6 22.12 -18.99 4.54
N GLU B 7 21.27 -18.23 5.22
CA GLU B 7 20.93 -16.89 4.75
C GLU B 7 22.17 -16.02 4.66
N LYS B 8 23.01 -16.03 5.70
CA LYS B 8 24.26 -15.28 5.68
C LYS B 8 25.14 -15.70 4.52
N GLN B 9 25.24 -17.01 4.27
CA GLN B 9 26.07 -17.51 3.18
C GLN B 9 25.48 -17.11 1.82
N LEU B 10 24.15 -17.17 1.68
CA LEU B 10 23.54 -16.74 0.42
C LEU B 10 23.76 -15.26 0.16
N ILE B 11 23.71 -14.43 1.21
CA ILE B 11 23.82 -12.99 1.02
C ILE B 11 25.26 -12.59 0.74
N THR B 12 26.19 -13.01 1.60
CA THR B 12 27.58 -12.64 1.39
C THR B 12 28.15 -13.25 0.11
N GLY B 13 27.71 -14.47 -0.24
CA GLY B 13 28.22 -15.11 -1.45
C GLY B 13 27.81 -14.38 -2.71
N LEU B 14 26.52 -14.00 -2.79
CA LEU B 14 26.06 -13.28 -3.97
C LEU B 14 26.67 -11.88 -4.03
N TRP B 15 26.78 -11.21 -2.88
CA TRP B 15 27.30 -9.83 -2.85
C TRP B 15 28.66 -9.72 -3.53
N GLY B 16 29.54 -10.73 -3.33
CA GLY B 16 30.86 -10.68 -3.92
C GLY B 16 30.87 -10.71 -5.43
N LYS B 17 29.76 -11.09 -6.05
CA LYS B 17 29.63 -11.12 -7.49
C LYS B 17 28.83 -9.95 -8.05
N VAL B 18 28.29 -9.08 -7.21
CA VAL B 18 27.47 -7.97 -7.68
C VAL B 18 28.34 -6.88 -8.30
N ASN B 19 27.95 -6.39 -9.48
CA ASN B 19 28.58 -5.22 -10.09
C ASN B 19 27.90 -3.99 -9.50
N VAL B 20 28.50 -3.45 -8.44
CA VAL B 20 27.83 -2.41 -7.67
C VAL B 20 27.48 -1.20 -8.52
N ALA B 21 28.40 -0.76 -9.39
CA ALA B 21 28.13 0.41 -10.22
C ALA B 21 27.02 0.14 -11.23
N ASP B 22 27.06 -1.03 -11.88
CA ASP B 22 26.09 -1.31 -12.94
C ASP B 22 24.73 -1.63 -12.37
N CYS B 23 24.67 -2.52 -11.38
CA CYS B 23 23.40 -2.87 -10.75
C CYS B 23 22.80 -1.64 -10.07
N GLY B 24 23.64 -0.82 -9.45
CA GLY B 24 23.13 0.32 -8.72
C GLY B 24 22.50 1.34 -9.65
N ALA B 25 23.18 1.64 -10.76
CA ALA B 25 22.61 2.53 -11.76
C ALA B 25 21.29 1.97 -12.29
N GLU B 26 21.26 0.66 -12.58
CA GLU B 26 20.05 0.06 -13.15
C GLU B 26 18.87 0.14 -12.18
N ALA B 27 19.13 -0.09 -10.90
CA ALA B 27 18.05 -0.08 -9.93
C ALA B 27 17.49 1.32 -9.75
N LEU B 28 18.36 2.32 -9.62
CA LEU B 28 17.88 3.68 -9.44
C LEU B 28 17.15 4.16 -10.69
N ALA B 29 17.65 3.82 -11.88
CA ALA B 29 16.96 4.23 -13.10
C ALA B 29 15.58 3.58 -13.22
N ARG B 30 15.48 2.30 -12.91
CA ARG B 30 14.18 1.62 -12.95
C ARG B 30 13.20 2.24 -11.97
N LEU B 31 13.65 2.59 -10.77
CA LEU B 31 12.80 3.29 -9.82
C LEU B 31 12.18 4.54 -10.45
N LEU B 32 13.03 5.37 -11.08
CA LEU B 32 12.54 6.61 -11.66
C LEU B 32 11.66 6.34 -12.87
N ILE B 33 11.90 5.23 -13.56
CA ILE B 33 11.13 4.91 -14.78
C ILE B 33 9.85 4.15 -14.45
N VAL B 34 9.95 3.17 -13.56
CA VAL B 34 8.78 2.36 -13.23
C VAL B 34 7.82 3.14 -12.34
N TYR B 35 8.36 3.97 -11.42
CA TYR B 35 7.58 4.70 -10.41
C TYR B 35 7.90 6.19 -10.55
N PRO B 36 7.35 6.84 -11.58
CA PRO B 36 7.87 8.16 -12.00
C PRO B 36 7.66 9.27 -10.99
N TRP B 37 6.72 9.13 -10.06
CA TRP B 37 6.56 10.15 -9.04
C TRP B 37 7.81 10.28 -8.20
N THR B 38 8.64 9.22 -8.15
CA THR B 38 9.88 9.34 -7.39
C THR B 38 10.82 10.35 -8.01
N GLN B 39 10.57 10.76 -9.26
CA GLN B 39 11.46 11.74 -9.88
C GLN B 39 11.39 13.09 -9.19
N ARG B 40 10.36 13.32 -8.38
CA ARG B 40 10.22 14.58 -7.66
C ARG B 40 11.34 14.80 -6.65
N PHE B 41 11.92 13.73 -6.13
CA PHE B 41 13.04 13.86 -5.21
C PHE B 41 14.38 14.12 -5.92
N PHE B 42 14.43 14.10 -7.25
CA PHE B 42 15.72 14.09 -7.94
C PHE B 42 15.82 15.18 -9.00
N ALA B 43 15.12 16.31 -8.82
CA ALA B 43 15.23 17.38 -9.79
C ALA B 43 16.65 17.94 -9.87
N SER B 44 17.43 17.81 -8.79
CA SER B 44 18.81 18.28 -8.86
C SER B 44 19.64 17.51 -9.87
N PHE B 45 19.20 16.31 -10.28
CA PHE B 45 19.99 15.48 -11.17
C PHE B 45 19.88 15.88 -12.64
N GLY B 46 18.95 16.77 -12.98
CA GLY B 46 18.87 17.31 -14.33
C GLY B 46 17.86 16.56 -15.19
N ASN B 47 18.31 16.09 -16.34
CA ASN B 47 17.43 15.58 -17.39
C ASN B 47 16.97 14.17 -17.04
N LEU B 48 15.73 14.07 -16.60
CA LEU B 48 15.02 12.82 -16.35
C LEU B 48 13.80 12.71 -17.25
N SER B 49 13.89 13.23 -18.47
CA SER B 49 12.71 13.43 -19.29
C SER B 49 12.30 12.19 -20.11
N SER B 50 13.10 11.14 -20.12
CA SER B 50 12.73 9.91 -20.81
C SER B 50 13.55 8.78 -20.23
N PRO B 51 13.12 7.53 -20.41
CA PRO B 51 13.97 6.38 -20.00
C PRO B 51 15.38 6.49 -20.53
N THR B 52 15.54 6.80 -21.82
CA THR B 52 16.87 6.98 -22.40
C THR B 52 17.65 8.04 -21.63
N ALA B 53 17.07 9.24 -21.46
CA ALA B 53 17.74 10.29 -20.72
C ALA B 53 18.08 9.82 -19.31
N ILE B 54 17.15 9.14 -18.65
CA ILE B 54 17.38 8.68 -17.28
C ILE B 54 18.53 7.69 -17.23
N LEU B 55 18.47 6.64 -18.06
CA LEU B 55 19.53 5.60 -18.07
C LEU B 55 20.88 6.23 -18.38
N GLY B 56 20.93 7.25 -19.23
CA GLY B 56 22.21 7.84 -19.57
C GLY B 56 22.64 9.00 -18.70
N ASN B 57 21.82 9.39 -17.73
CA ASN B 57 22.11 10.55 -16.88
C ASN B 57 23.24 10.24 -15.91
N PRO B 58 24.36 10.98 -15.94
CA PRO B 58 25.51 10.62 -15.09
C PRO B 58 25.25 10.71 -13.60
N MET B 59 24.42 11.66 -13.15
CA MET B 59 24.18 11.79 -11.72
C MET B 59 23.32 10.64 -11.20
N VAL B 60 22.38 10.18 -12.02
CA VAL B 60 21.60 8.98 -11.66
C VAL B 60 22.52 7.79 -11.49
N ARG B 61 23.44 7.59 -12.44
CA ARG B 61 24.30 6.42 -12.37
C ARG B 61 25.23 6.53 -11.17
N ALA B 62 25.73 7.75 -10.92
CA ALA B 62 26.59 7.98 -9.76
C ALA B 62 25.83 7.72 -8.47
N HIS B 63 24.58 8.17 -8.40
CA HIS B 63 23.81 8.00 -7.18
C HIS B 63 23.44 6.54 -6.93
N GLY B 64 23.05 5.81 -7.99
CA GLY B 64 22.78 4.39 -7.85
C GLY B 64 23.95 3.62 -7.26
N LYS B 65 25.18 3.96 -7.67
CA LYS B 65 26.34 3.28 -7.08
C LYS B 65 26.44 3.55 -5.59
N LYS B 66 26.17 4.78 -5.17
CA LYS B 66 26.23 5.07 -3.73
C LYS B 66 25.13 4.30 -2.99
N VAL B 67 23.96 4.20 -3.58
CA VAL B 67 22.87 3.50 -2.88
C VAL B 67 23.18 2.02 -2.71
N LEU B 68 23.71 1.36 -3.75
CA LEU B 68 24.00 -0.05 -3.62
C LEU B 68 25.19 -0.27 -2.70
N THR B 69 26.16 0.66 -2.71
CA THR B 69 27.29 0.58 -1.78
C THR B 69 26.82 0.51 -0.33
N SER B 70 25.81 1.31 0.03
CA SER B 70 25.33 1.25 1.41
C SER B 70 24.64 -0.08 1.70
N PHE B 71 23.94 -0.65 0.70
CA PHE B 71 23.42 -2.00 0.87
C PHE B 71 24.54 -2.96 1.24
N GLY B 72 25.74 -2.75 0.68
CA GLY B 72 26.88 -3.58 1.02
C GLY B 72 27.35 -3.40 2.45
N ASP B 73 27.10 -2.22 3.02
CA ASP B 73 27.41 -2.03 4.44
C ASP B 73 26.48 -2.85 5.33
N ALA B 74 25.26 -3.12 4.83
CA ALA B 74 24.38 -4.07 5.53
C ALA B 74 24.90 -5.49 5.39
N VAL B 75 25.31 -5.89 4.18
CA VAL B 75 25.84 -7.24 3.97
C VAL B 75 27.02 -7.51 4.89
N LYS B 76 27.88 -6.50 5.11
CA LYS B 76 29.13 -6.72 5.85
C LYS B 76 28.86 -7.09 7.30
N ASN B 77 27.96 -6.39 7.99
CA ASN B 77 27.52 -6.81 9.32
C ASN B 77 26.00 -6.76 9.41
N LEU B 78 25.40 -7.94 9.23
CA LEU B 78 23.95 -8.10 9.16
C LEU B 78 23.27 -7.91 10.51
N ASP B 79 24.00 -8.04 11.61
CA ASP B 79 23.42 -7.93 12.94
C ASP B 79 23.46 -6.52 13.50
N ASN B 80 24.02 -5.56 12.75
CA ASN B 80 24.13 -4.17 13.18
C ASN B 80 23.50 -3.21 12.18
N ILE B 81 22.55 -3.69 11.37
CA ILE B 81 21.98 -2.86 10.29
C ILE B 81 21.32 -1.61 10.87
N LYS B 82 20.64 -1.74 12.00
CA LYS B 82 19.93 -0.57 12.60
C LYS B 82 20.88 0.61 12.81
N ASN B 83 22.01 0.38 13.46
CA ASN B 83 22.95 1.47 13.71
C ASN B 83 23.63 1.93 12.43
N THR B 84 23.93 1.00 11.52
CA THR B 84 24.61 1.35 10.28
C THR B 84 23.81 2.36 9.48
N PHE B 85 22.48 2.34 9.60
CA PHE B 85 21.63 3.13 8.72
C PHE B 85 20.97 4.30 9.45
N SER B 86 21.37 4.55 10.70
CA SER B 86 20.67 5.52 11.53
C SER B 86 20.81 6.93 10.98
N GLN B 87 22.00 7.31 10.48
CA GLN B 87 22.16 8.65 9.92
C GLN B 87 21.45 8.78 8.59
N LEU B 88 21.44 7.73 7.78
CA LEU B 88 20.65 7.80 6.54
C LEU B 88 19.16 7.85 6.84
N SER B 89 18.72 7.25 7.95
CA SER B 89 17.33 7.38 8.33
C SER B 89 16.95 8.83 8.64
N GLU B 90 17.80 9.55 9.37
CA GLU B 90 17.55 10.96 9.61
C GLU B 90 17.39 11.72 8.29
N LEU B 91 18.30 11.48 7.34
CA LEU B 91 18.22 12.15 6.05
C LEU B 91 16.90 11.87 5.33
N HIS B 92 16.51 10.59 5.20
CA HIS B 92 15.33 10.26 4.40
C HIS B 92 14.02 10.58 5.10
N CYS B 93 13.98 10.50 6.43
CA CYS B 93 12.72 10.78 7.11
C CYS B 93 12.63 12.23 7.56
N ASP B 94 13.60 12.69 8.36
CA ASP B 94 13.50 14.04 8.92
C ASP B 94 13.74 15.10 7.87
N LYS B 95 14.62 14.85 6.90
CA LYS B 95 14.98 15.86 5.92
C LYS B 95 14.20 15.74 4.61
N LEU B 96 14.17 14.54 4.00
CA LEU B 96 13.58 14.40 2.67
C LEU B 96 12.10 14.06 2.69
N HIS B 97 11.61 13.53 3.80
CA HIS B 97 10.18 13.10 3.95
C HIS B 97 9.79 12.09 2.85
N VAL B 98 10.68 11.16 2.52
CA VAL B 98 10.33 10.12 1.56
C VAL B 98 9.41 9.12 2.26
N ASP B 99 8.26 8.87 1.67
CA ASP B 99 7.34 7.90 2.29
C ASP B 99 7.99 6.52 2.28
N PRO B 100 7.93 5.76 3.38
CA PRO B 100 8.63 4.48 3.44
C PRO B 100 8.12 3.44 2.47
N GLU B 101 6.91 3.57 1.94
CA GLU B 101 6.50 2.65 0.87
C GLU B 101 7.50 2.67 -0.29
N ASN B 102 8.15 3.81 -0.51
CA ASN B 102 9.15 3.89 -1.57
C ASN B 102 10.41 3.09 -1.25
N PHE B 103 10.76 2.93 0.03
CA PHE B 103 11.87 2.03 0.36
C PHE B 103 11.56 0.60 -0.07
N ARG B 104 10.32 0.15 0.15
CA ARG B 104 9.92 -1.18 -0.32
C ARG B 104 10.02 -1.30 -1.83
N LEU B 105 9.61 -0.24 -2.55
CA LEU B 105 9.62 -0.33 -4.01
C LEU B 105 11.04 -0.40 -4.55
N LEU B 106 11.98 0.39 -3.98
CA LEU B 106 13.37 0.27 -4.40
C LEU B 106 13.94 -1.11 -4.08
N GLY B 107 13.54 -1.71 -2.96
CA GLY B 107 14.01 -3.05 -2.62
C GLY B 107 13.52 -4.10 -3.60
N ASP B 108 12.24 -4.04 -3.96
CA ASP B 108 11.70 -4.97 -4.95
C ASP B 108 12.36 -4.80 -6.32
N ILE B 109 12.67 -3.56 -6.71
CA ILE B 109 13.36 -3.34 -7.98
C ILE B 109 14.74 -3.94 -7.94
N LEU B 110 15.41 -3.82 -6.78
CA LEU B 110 16.75 -4.35 -6.70
C LEU B 110 16.76 -5.86 -6.86
N ILE B 111 15.77 -6.54 -6.28
CA ILE B 111 15.64 -7.99 -6.44
C ILE B 111 15.48 -8.35 -7.92
N ILE B 112 14.69 -7.57 -8.65
CA ILE B 112 14.54 -7.87 -10.07
C ILE B 112 15.85 -7.60 -10.82
N VAL B 113 16.58 -6.56 -10.42
CA VAL B 113 17.89 -6.29 -11.05
C VAL B 113 18.86 -7.44 -10.75
N LEU B 114 18.87 -7.92 -9.51
CA LEU B 114 19.75 -9.03 -9.15
C LEU B 114 19.36 -10.31 -9.89
N ALA B 115 18.06 -10.59 -9.98
CA ALA B 115 17.60 -11.69 -10.81
C ALA B 115 18.13 -11.57 -12.24
N ALA B 116 18.07 -10.36 -12.81
CA ALA B 116 18.52 -10.20 -14.20
C ALA B 116 20.01 -10.44 -14.32
N HIS B 117 20.77 -10.02 -13.30
CA HIS B 117 22.22 -10.16 -13.29
C HIS B 117 22.69 -11.60 -13.08
N PHE B 118 21.95 -12.38 -12.28
CA PHE B 118 22.41 -13.71 -11.90
C PHE B 118 21.68 -14.85 -12.59
N SER B 119 20.58 -14.58 -13.28
CA SER B 119 19.80 -15.62 -13.97
C SER B 119 19.50 -16.74 -12.99
N LYS B 120 19.78 -18.01 -13.34
CA LYS B 120 19.33 -19.15 -12.54
C LYS B 120 20.11 -19.33 -11.26
N ASP B 121 21.29 -18.68 -11.11
CA ASP B 121 21.96 -18.70 -9.82
C ASP B 121 21.15 -17.97 -8.75
N PHE B 122 20.19 -17.16 -9.14
CA PHE B 122 19.33 -16.45 -8.18
C PHE B 122 18.19 -17.40 -7.82
N THR B 123 18.51 -18.41 -6.98
CA THR B 123 17.56 -19.46 -6.65
C THR B 123 16.40 -18.92 -5.82
N PRO B 124 15.32 -19.68 -5.69
CA PRO B 124 14.24 -19.25 -4.79
C PRO B 124 14.74 -18.97 -3.39
N GLU B 125 15.64 -19.82 -2.89
CA GLU B 125 16.21 -19.61 -1.56
C GLU B 125 17.04 -18.34 -1.51
N CYS B 126 17.81 -18.05 -2.58
CA CYS B 126 18.58 -16.81 -2.60
C CYS B 126 17.65 -15.59 -2.66
N GLN B 127 16.58 -15.67 -3.47
CA GLN B 127 15.61 -14.57 -3.50
C GLN B 127 15.01 -14.32 -2.13
N ALA B 128 14.70 -15.41 -1.42
CA ALA B 128 14.09 -15.28 -0.10
C ALA B 128 15.02 -14.59 0.88
N ALA B 129 16.33 -14.90 0.81
CA ALA B 129 17.26 -14.25 1.72
C ALA B 129 17.48 -12.78 1.38
N TRP B 130 17.57 -12.47 0.08
CA TRP B 130 17.79 -11.09 -0.34
C TRP B 130 16.54 -10.23 -0.14
N GLN B 131 15.35 -10.80 -0.30
CA GLN B 131 14.14 -10.08 0.04
C GLN B 131 14.12 -9.76 1.53
N LYS B 132 14.53 -10.73 2.36
CA LYS B 132 14.66 -10.45 3.79
C LYS B 132 15.62 -9.30 4.03
N LEU B 133 16.80 -9.31 3.39
CA LEU B 133 17.74 -8.21 3.58
C LEU B 133 17.16 -6.86 3.15
N VAL B 134 16.48 -6.79 2.01
CA VAL B 134 16.01 -5.47 1.60
C VAL B 134 14.89 -5.00 2.52
N ARG B 135 14.13 -5.93 3.09
CA ARG B 135 13.05 -5.56 4.02
C ARG B 135 13.67 -5.03 5.35
N VAL B 136 14.75 -5.67 5.79
CA VAL B 136 15.42 -5.23 7.03
C VAL B 136 16.08 -3.87 6.85
N VAL B 137 16.71 -3.62 5.70
CA VAL B 137 17.29 -2.31 5.42
C VAL B 137 16.18 -1.25 5.34
N ALA B 138 15.08 -1.54 4.65
CA ALA B 138 13.99 -0.58 4.59
C ALA B 138 13.45 -0.27 5.99
N HIS B 139 13.36 -1.28 6.85
CA HIS B 139 12.91 -1.05 8.22
C HIS B 139 13.87 -0.13 8.95
N ALA B 140 15.17 -0.39 8.81
CA ALA B 140 16.20 0.43 9.45
C ALA B 140 16.17 1.86 8.93
N LEU B 141 15.85 2.02 7.65
CA LEU B 141 15.79 3.36 7.04
C LEU B 141 14.58 4.15 7.53
N ALA B 142 13.52 3.46 7.93
CA ALA B 142 12.32 4.16 8.37
C ALA B 142 12.31 4.43 9.86
N ARG B 143 13.33 3.95 10.56
CA ARG B 143 13.35 4.02 12.04
C ARG B 143 13.06 5.41 12.59
N LYS B 144 13.58 6.45 11.95
CA LYS B 144 13.40 7.80 12.49
C LYS B 144 11.97 8.34 12.33
N TYR B 145 11.07 7.61 11.67
CA TYR B 145 9.66 7.98 11.65
C TYR B 145 8.90 7.50 12.87
N HIS B 146 9.51 6.70 13.73
CA HIS B 146 8.78 6.03 14.82
C HIS B 146 9.39 6.29 16.17
N LEU C 2 -17.49 -0.48 -9.48
CA LEU C 2 -18.52 0.21 -8.70
C LEU C 2 -19.90 -0.36 -9.04
N SER C 3 -20.58 -0.88 -8.03
CA SER C 3 -21.90 -1.43 -8.20
C SER C 3 -22.94 -0.31 -8.31
N ALA C 4 -24.17 -0.70 -8.65
CA ALA C 4 -25.25 0.27 -8.73
C ALA C 4 -25.65 0.76 -7.34
N ALA C 5 -25.67 -0.15 -6.35
CA ALA C 5 -25.89 0.29 -4.98
C ALA C 5 -24.82 1.30 -4.56
N ASP C 6 -23.58 1.06 -4.98
CA ASP C 6 -22.49 1.97 -4.66
C ASP C 6 -22.73 3.35 -5.23
N LYS C 7 -23.16 3.41 -6.50
CA LYS C 7 -23.40 4.71 -7.12
C LYS C 7 -24.51 5.46 -6.40
N ASN C 8 -25.59 4.76 -6.05
CA ASN C 8 -26.68 5.42 -5.35
C ASN C 8 -26.26 5.86 -3.96
N ASN C 9 -25.42 5.05 -3.30
CA ASN C 9 -24.90 5.42 -1.98
C ASN C 9 -24.04 6.68 -2.04
N VAL C 10 -23.24 6.82 -3.10
CA VAL C 10 -22.37 7.99 -3.19
C VAL C 10 -23.18 9.22 -3.56
N LYS C 11 -24.10 9.09 -4.53
CA LYS C 11 -25.03 10.18 -4.84
C LYS C 11 -25.82 10.61 -3.61
N GLY C 12 -26.13 9.68 -2.71
CA GLY C 12 -26.93 9.99 -1.55
C GLY C 12 -26.31 10.98 -0.60
N ILE C 13 -25.09 10.68 -0.13
CA ILE C 13 -24.46 11.63 0.84
C ILE C 13 -24.07 12.90 0.13
N PHE C 14 -23.81 12.84 -1.18
CA PHE C 14 -23.33 14.04 -1.84
C PHE C 14 -24.42 15.10 -2.01
N THR C 15 -25.70 14.72 -1.88
CA THR C 15 -26.71 15.75 -1.75
C THR C 15 -26.56 16.54 -0.45
N LYS C 16 -25.92 15.95 0.57
CA LYS C 16 -25.58 16.72 1.76
C LYS C 16 -24.27 17.48 1.58
N ILE C 17 -23.39 17.00 0.69
CA ILE C 17 -22.10 17.63 0.48
C ILE C 17 -22.24 18.82 -0.47
N ALA C 18 -23.11 18.70 -1.48
CA ALA C 18 -23.12 19.65 -2.59
C ALA C 18 -23.29 21.08 -2.12
N GLY C 19 -24.05 21.30 -1.05
CA GLY C 19 -24.27 22.66 -0.58
C GLY C 19 -23.07 23.30 0.08
N HIS C 20 -22.03 22.55 0.42
CA HIS C 20 -20.96 23.02 1.29
C HIS C 20 -19.58 22.75 0.71
N ALA C 21 -19.39 22.96 -0.60
CA ALA C 21 -18.15 22.53 -1.23
C ALA C 21 -16.95 23.26 -0.65
N GLU C 22 -17.02 24.60 -0.55
CA GLU C 22 -15.91 25.34 0.01
C GLU C 22 -15.67 24.99 1.47
N GLU C 23 -16.75 24.92 2.28
CA GLU C 23 -16.56 24.63 3.70
C GLU C 23 -15.92 23.26 3.91
N TYR C 24 -16.47 22.23 3.26
CA TYR C 24 -15.95 20.88 3.50
C TYR C 24 -14.60 20.70 2.84
N GLY C 25 -14.40 21.29 1.67
CA GLY C 25 -13.11 21.21 1.00
C GLY C 25 -12.01 21.88 1.79
N ALA C 26 -12.28 23.07 2.35
CA ALA C 26 -11.31 23.76 3.18
C ALA C 26 -10.99 22.95 4.43
N GLU C 27 -11.98 22.34 5.07
CA GLU C 27 -11.68 21.58 6.28
C GLU C 27 -10.91 20.31 5.95
N THR C 28 -11.24 19.67 4.83
CA THR C 28 -10.51 18.46 4.39
C THR C 28 -9.01 18.77 4.22
N LEU C 29 -8.69 19.89 3.58
CA LEU C 29 -7.29 20.27 3.38
C LEU C 29 -6.63 20.64 4.71
N GLU C 30 -7.31 21.43 5.55
CA GLU C 30 -6.71 21.78 6.85
C GLU C 30 -6.40 20.55 7.69
N ARG C 31 -7.30 19.57 7.70
CA ARG C 31 -7.04 18.33 8.42
C ARG C 31 -5.85 17.58 7.81
N MET C 32 -5.77 17.52 6.49
CA MET C 32 -4.63 16.85 5.86
C MET C 32 -3.31 17.52 6.24
N PHE C 33 -3.22 18.85 6.08
CA PHE C 33 -1.98 19.53 6.43
C PHE C 33 -1.61 19.35 7.90
N ILE C 34 -2.60 19.33 8.79
CA ILE C 34 -2.27 19.20 10.21
C ILE C 34 -2.01 17.74 10.61
N THR C 35 -2.80 16.81 10.09
CA THR C 35 -2.64 15.40 10.45
C THR C 35 -1.43 14.78 9.75
N TYR C 36 -1.12 15.19 8.52
CA TYR C 36 0.00 14.65 7.74
C TYR C 36 0.83 15.81 7.21
N PRO C 37 1.69 16.39 8.04
CA PRO C 37 2.40 17.62 7.67
C PRO C 37 3.20 17.50 6.38
N PRO C 38 3.78 16.33 6.04
CA PRO C 38 4.56 16.28 4.80
C PRO C 38 3.73 16.60 3.57
N THR C 39 2.40 16.52 3.65
CA THR C 39 1.59 16.86 2.47
C THR C 39 1.71 18.34 2.10
N LYS C 40 2.17 19.19 3.02
CA LYS C 40 2.33 20.60 2.71
C LYS C 40 3.44 20.85 1.69
N THR C 41 4.29 19.86 1.41
N THR C 41 4.30 19.89 1.41
CA THR C 41 5.38 20.04 0.47
CA THR C 41 5.38 20.19 0.47
C THR C 41 4.88 20.32 -0.94
C THR C 41 4.88 20.33 -0.96
N TYR C 42 3.66 19.90 -1.26
CA TYR C 42 3.14 20.14 -2.60
C TYR C 42 2.59 21.54 -2.78
N PHE C 43 2.44 22.31 -1.72
CA PHE C 43 1.79 23.63 -1.83
C PHE C 43 2.74 24.74 -1.38
N PRO C 44 4.01 24.74 -1.81
CA PRO C 44 4.95 25.75 -1.28
C PRO C 44 4.55 27.16 -1.63
N HIS C 45 3.75 27.35 -2.68
CA HIS C 45 3.27 28.65 -3.12
C HIS C 45 2.04 29.12 -2.36
N PHE C 46 1.47 28.30 -1.49
CA PHE C 46 0.26 28.65 -0.73
C PHE C 46 0.60 29.32 0.58
N ASP C 47 -0.24 30.28 0.97
CA ASP C 47 -0.41 30.60 2.38
C ASP C 47 -1.17 29.46 3.04
N LEU C 48 -0.56 28.79 4.00
CA LEU C 48 -1.16 27.62 4.62
C LEU C 48 -1.59 27.88 6.06
N SER C 49 -1.61 29.15 6.47
CA SER C 49 -2.17 29.50 7.76
C SER C 49 -3.67 29.16 7.77
N HIS C 50 -4.21 29.04 8.98
CA HIS C 50 -5.60 28.62 9.11
C HIS C 50 -6.52 29.69 8.53
N GLY C 51 -7.46 29.25 7.69
CA GLY C 51 -8.43 30.15 7.12
C GLY C 51 -7.97 30.94 5.93
N SER C 52 -6.75 30.72 5.45
CA SER C 52 -6.25 31.50 4.33
C SER C 52 -7.15 31.34 3.11
N ALA C 53 -7.12 32.36 2.23
CA ALA C 53 -8.00 32.38 1.06
C ALA C 53 -7.61 31.33 0.03
N GLN C 54 -6.31 31.01 -0.07
CA GLN C 54 -5.88 30.01 -1.05
C GLN C 54 -6.39 28.62 -0.67
N ILE C 55 -6.39 28.28 0.62
CA ILE C 55 -6.92 26.99 1.04
C ILE C 55 -8.43 26.92 0.75
N LYS C 56 -9.16 27.98 1.11
CA LYS C 56 -10.61 28.00 0.84
C LYS C 56 -10.88 27.91 -0.65
N GLY C 57 -10.18 28.71 -1.45
CA GLY C 57 -10.33 28.60 -2.89
C GLY C 57 -10.01 27.21 -3.40
N HIS C 58 -8.89 26.66 -2.97
CA HIS C 58 -8.49 25.36 -3.50
C HIS C 58 -9.41 24.26 -3.00
N GLY C 59 -9.87 24.38 -1.75
CA GLY C 59 -10.77 23.39 -1.19
C GLY C 59 -12.08 23.31 -1.95
N LYS C 60 -12.59 24.48 -2.37
CA LYS C 60 -13.81 24.52 -3.18
C LYS C 60 -13.61 23.78 -4.50
N LYS C 61 -12.45 23.93 -5.11
CA LYS C 61 -12.20 23.25 -6.40
C LYS C 61 -12.08 21.74 -6.21
N VAL C 62 -11.43 21.29 -5.15
CA VAL C 62 -11.27 19.85 -4.95
C VAL C 62 -12.64 19.18 -4.84
N VAL C 63 -13.50 19.73 -3.98
CA VAL C 63 -14.80 19.09 -3.75
C VAL C 63 -15.69 19.26 -4.98
N ALA C 64 -15.54 20.38 -5.70
CA ALA C 64 -16.31 20.57 -6.92
C ALA C 64 -15.95 19.53 -7.97
N ALA C 65 -14.66 19.17 -8.06
CA ALA C 65 -14.25 18.10 -8.96
C ALA C 65 -14.87 16.77 -8.55
N LEU C 66 -14.94 16.51 -7.23
CA LEU C 66 -15.58 15.29 -6.74
C LEU C 66 -17.07 15.27 -7.10
N ILE C 67 -17.76 16.40 -6.93
CA ILE C 67 -19.18 16.49 -7.28
C ILE C 67 -19.39 16.20 -8.76
N GLU C 68 -18.49 16.70 -9.62
CA GLU C 68 -18.58 16.40 -11.05
C GLU C 68 -18.35 14.92 -11.32
N ALA C 69 -17.45 14.29 -10.59
CA ALA C 69 -17.27 12.84 -10.72
C ALA C 69 -18.53 12.10 -10.24
N ALA C 70 -19.24 12.67 -9.27
CA ALA C 70 -20.47 12.06 -8.79
C ALA C 70 -21.56 12.17 -9.84
N ASN C 71 -21.71 13.36 -10.43
CA ASN C 71 -22.69 13.61 -11.47
C ASN C 71 -22.39 12.88 -12.76
N HIS C 72 -21.22 12.29 -12.90
CA HIS C 72 -20.85 11.51 -14.09
C HIS C 72 -20.18 10.22 -13.67
N ILE C 73 -20.78 9.55 -12.69
CA ILE C 73 -20.14 8.43 -12.01
C ILE C 73 -19.92 7.24 -12.93
N ASP C 74 -20.65 7.18 -14.06
CA ASP C 74 -20.48 6.07 -14.98
C ASP C 74 -19.19 6.15 -15.77
N ASP C 75 -18.62 7.35 -15.94
CA ASP C 75 -17.33 7.55 -16.62
C ASP C 75 -16.58 8.65 -15.86
N ILE C 76 -15.99 8.27 -14.73
CA ILE C 76 -15.25 9.24 -13.91
C ILE C 76 -13.91 9.57 -14.55
N ALA C 77 -13.24 8.59 -15.16
CA ALA C 77 -11.98 8.86 -15.85
C ALA C 77 -12.14 9.94 -16.90
N GLY C 78 -13.31 10.00 -17.52
CA GLY C 78 -13.56 10.97 -18.58
C GLY C 78 -13.82 12.35 -18.05
N THR C 79 -14.50 12.41 -16.91
N THR C 79 -14.49 12.44 -16.91
CA THR C 79 -14.83 13.70 -16.26
CA THR C 79 -14.81 13.76 -16.32
C THR C 79 -13.59 14.33 -15.60
C THR C 79 -13.62 14.33 -15.54
N LEU C 80 -12.61 13.51 -15.23
CA LEU C 80 -11.42 14.04 -14.50
C LEU C 80 -10.15 13.84 -15.32
N SER C 81 -10.26 13.77 -16.64
CA SER C 81 -9.11 13.47 -17.49
C SER C 81 -8.00 14.50 -17.33
N LYS C 82 -8.35 15.80 -17.39
CA LYS C 82 -7.34 16.84 -17.31
C LYS C 82 -6.61 16.83 -15.97
N LEU C 83 -7.28 16.42 -14.90
CA LEU C 83 -6.63 16.44 -13.60
C LEU C 83 -5.54 15.37 -13.50
N SER C 84 -5.65 14.29 -14.27
CA SER C 84 -4.60 13.23 -14.18
C SER C 84 -3.26 13.79 -14.63
N ASP C 85 -3.23 14.45 -15.77
CA ASP C 85 -1.96 14.98 -16.24
C ASP C 85 -1.35 15.94 -15.23
N LEU C 86 -2.19 16.75 -14.58
CA LEU C 86 -1.68 17.71 -13.60
C LEU C 86 -1.05 16.98 -12.40
N HIS C 87 -1.74 15.97 -11.86
CA HIS C 87 -1.27 15.36 -10.62
C HIS C 87 -0.13 14.37 -10.84
N ALA C 88 -0.23 13.57 -11.89
CA ALA C 88 0.77 12.53 -12.13
C ALA C 88 1.98 13.08 -12.88
N HIS C 89 1.75 13.80 -13.98
CA HIS C 89 2.85 14.24 -14.82
C HIS C 89 3.48 15.53 -14.31
N LYS C 90 2.66 16.53 -13.97
CA LYS C 90 3.19 17.84 -13.63
C LYS C 90 3.63 17.91 -12.18
N LEU C 91 2.74 17.51 -11.25
CA LEU C 91 3.00 17.64 -9.83
C LEU C 91 3.77 16.46 -9.24
N ARG C 92 3.70 15.29 -9.88
CA ARG C 92 4.28 14.05 -9.36
C ARG C 92 3.88 13.81 -7.90
N VAL C 93 2.56 13.86 -7.66
CA VAL C 93 2.05 13.55 -6.33
C VAL C 93 2.27 12.07 -6.04
N ASP C 94 2.96 11.77 -4.94
CA ASP C 94 3.14 10.38 -4.54
C ASP C 94 1.77 9.75 -4.30
N PRO C 95 1.49 8.57 -4.88
CA PRO C 95 0.13 8.00 -4.73
C PRO C 95 -0.30 7.79 -3.29
N VAL C 96 0.62 7.70 -2.33
CA VAL C 96 0.17 7.51 -0.96
C VAL C 96 -0.67 8.69 -0.48
N ASN C 97 -0.43 9.89 -1.03
CA ASN C 97 -1.13 11.08 -0.54
C ASN C 97 -2.61 11.08 -0.84
N PHE C 98 -3.05 10.37 -1.90
CA PHE C 98 -4.47 10.33 -2.20
C PHE C 98 -5.25 9.58 -1.13
N LYS C 99 -4.61 8.62 -0.46
CA LYS C 99 -5.27 7.94 0.66
C LYS C 99 -5.40 8.85 1.85
N LEU C 100 -4.41 9.72 2.09
CA LEU C 100 -4.48 10.62 3.23
C LEU C 100 -5.58 11.66 3.05
N LEU C 101 -5.69 12.25 1.86
CA LEU C 101 -6.75 13.21 1.59
C LEU C 101 -8.13 12.55 1.66
N GLY C 102 -8.27 11.36 1.07
CA GLY C 102 -9.53 10.64 1.18
C GLY C 102 -9.92 10.35 2.61
N GLN C 103 -8.93 10.01 3.44
CA GLN C 103 -9.22 9.81 4.86
C GLN C 103 -9.74 11.09 5.51
N CYS C 104 -9.11 12.23 5.20
CA CYS C 104 -9.56 13.50 5.77
C CYS C 104 -10.96 13.87 5.26
N PHE C 105 -11.21 13.61 3.99
CA PHE C 105 -12.56 13.86 3.49
C PHE C 105 -13.61 13.03 4.27
N LEU C 106 -13.36 11.74 4.47
CA LEU C 106 -14.30 10.91 5.22
C LEU C 106 -14.44 11.37 6.66
N VAL C 107 -13.37 11.85 7.28
CA VAL C 107 -13.49 12.42 8.61
C VAL C 107 -14.42 13.64 8.58
N VAL C 108 -14.28 14.49 7.57
CA VAL C 108 -15.19 15.65 7.49
C VAL C 108 -16.64 15.19 7.32
N VAL C 109 -16.89 14.17 6.50
CA VAL C 109 -18.25 13.71 6.30
C VAL C 109 -18.82 13.15 7.60
N ALA C 110 -18.03 12.34 8.32
CA ALA C 110 -18.49 11.75 9.58
C ALA C 110 -18.82 12.81 10.61
N ILE C 111 -18.02 13.87 10.68
CA ILE C 111 -18.25 14.96 11.64
C ILE C 111 -19.58 15.65 11.38
N HIS C 112 -19.92 15.89 10.10
CA HIS C 112 -21.09 16.70 9.80
C HIS C 112 -22.34 15.91 9.51
N HIS C 113 -22.22 14.66 9.05
CA HIS C 113 -23.38 13.85 8.66
C HIS C 113 -23.18 12.41 9.15
N PRO C 114 -23.02 12.22 10.46
CA PRO C 114 -22.66 10.89 10.97
C PRO C 114 -23.70 9.81 10.73
N ALA C 115 -24.99 10.13 10.87
CA ALA C 115 -26.01 9.10 10.64
C ALA C 115 -26.08 8.71 9.18
N ALA C 116 -25.73 9.62 8.28
CA ALA C 116 -25.69 9.31 6.86
C ALA C 116 -24.48 8.47 6.48
N LEU C 117 -23.38 8.55 7.23
CA LEU C 117 -22.18 7.77 6.95
C LEU C 117 -22.26 6.39 7.61
N THR C 118 -23.26 5.63 7.18
CA THR C 118 -23.43 4.24 7.60
C THR C 118 -22.24 3.40 7.14
N PRO C 119 -22.07 2.18 7.71
CA PRO C 119 -20.98 1.33 7.22
C PRO C 119 -21.07 1.06 5.72
N GLU C 120 -22.29 0.88 5.19
CA GLU C 120 -22.45 0.59 3.78
C GLU C 120 -22.15 1.81 2.92
N VAL C 121 -22.58 3.00 3.37
CA VAL C 121 -22.23 4.22 2.65
C VAL C 121 -20.73 4.47 2.75
N HIS C 122 -20.13 4.21 3.91
CA HIS C 122 -18.69 4.34 4.08
C HIS C 122 -17.94 3.42 3.11
N ALA C 123 -18.36 2.16 3.01
CA ALA C 123 -17.80 1.24 2.04
C ALA C 123 -17.86 1.78 0.62
N SER C 124 -19.02 2.30 0.21
CA SER C 124 -19.18 2.80 -1.15
C SER C 124 -18.34 4.05 -1.39
N LEU C 125 -18.28 4.96 -0.41
CA LEU C 125 -17.50 6.17 -0.60
C LEU C 125 -16.00 5.86 -0.66
N ASP C 126 -15.54 4.88 0.10
CA ASP C 126 -14.15 4.46 0.02
C ASP C 126 -13.83 3.96 -1.39
N LYS C 127 -14.72 3.15 -1.96
CA LYS C 127 -14.50 2.67 -3.35
C LYS C 127 -14.48 3.86 -4.32
N PHE C 128 -15.38 4.81 -4.14
CA PHE C 128 -15.39 5.99 -4.98
C PHE C 128 -14.07 6.76 -4.88
N LEU C 129 -13.60 6.99 -3.64
CA LEU C 129 -12.39 7.79 -3.46
C LEU C 129 -11.17 7.06 -3.98
N CYS C 130 -11.14 5.73 -3.84
N CYS C 130 -11.13 5.73 -3.86
CA CYS C 130 -10.03 4.95 -4.41
CA CYS C 130 -10.02 4.97 -4.42
C CYS C 130 -10.03 5.06 -5.93
C CYS C 130 -10.03 5.03 -5.94
N ALA C 131 -11.22 5.04 -6.55
CA ALA C 131 -11.30 5.13 -8.00
C ALA C 131 -10.80 6.48 -8.51
N VAL C 132 -11.19 7.56 -7.82
CA VAL C 132 -10.70 8.89 -8.17
C VAL C 132 -9.17 8.94 -8.04
N GLY C 133 -8.65 8.42 -6.93
CA GLY C 133 -7.22 8.42 -6.75
C GLY C 133 -6.49 7.68 -7.84
N THR C 134 -7.05 6.55 -8.28
CA THR C 134 -6.47 5.78 -9.38
C THR C 134 -6.45 6.59 -10.66
N VAL C 135 -7.52 7.32 -10.93
CA VAL C 135 -7.60 8.17 -12.16
C VAL C 135 -6.57 9.31 -12.06
N LEU C 136 -6.46 10.00 -10.93
CA LEU C 136 -5.47 11.05 -10.84
C LEU C 136 -4.01 10.64 -10.84
N THR C 137 -3.73 9.35 -10.62
CA THR C 137 -2.36 8.85 -10.65
C THR C 137 -2.01 8.18 -11.98
N ALA C 138 -2.93 8.10 -12.92
CA ALA C 138 -2.68 7.44 -14.21
C ALA C 138 -1.66 8.21 -15.03
N VAL D 1 9.07 7.55 19.66
CA VAL D 1 8.19 8.69 19.44
C VAL D 1 8.13 9.53 20.71
N HIS D 2 7.96 10.84 20.54
CA HIS D 2 7.90 11.78 21.64
C HIS D 2 6.52 12.42 21.68
N TRP D 3 5.97 12.57 22.87
CA TRP D 3 4.60 13.07 23.07
C TRP D 3 4.66 14.46 23.69
N SER D 4 4.06 15.43 23.02
CA SER D 4 3.94 16.76 23.61
C SER D 4 2.84 16.78 24.66
N ALA D 5 2.96 17.72 25.62
CA ALA D 5 1.96 17.83 26.67
C ALA D 5 0.57 18.09 26.09
N GLU D 6 0.48 18.80 24.98
CA GLU D 6 -0.82 19.04 24.35
C GLU D 6 -1.37 17.74 23.74
N GLU D 7 -0.49 16.93 23.15
CA GLU D 7 -0.94 15.67 22.56
C GLU D 7 -1.47 14.72 23.64
N LYS D 8 -0.71 14.58 24.73
CA LYS D 8 -1.17 13.87 25.91
C LYS D 8 -2.55 14.35 26.35
N GLN D 9 -2.73 15.67 26.45
CA GLN D 9 -4.00 16.22 26.90
C GLN D 9 -5.13 15.89 25.93
N LEU D 10 -4.87 16.03 24.63
CA LEU D 10 -5.90 15.72 23.63
C LEU D 10 -6.28 14.24 23.66
N ILE D 11 -5.32 13.36 23.93
CA ILE D 11 -5.59 11.94 23.89
C ILE D 11 -6.32 11.49 25.15
N THR D 12 -5.77 11.80 26.32
CA THR D 12 -6.45 11.43 27.56
C THR D 12 -7.82 12.12 27.70
N GLY D 13 -7.96 13.35 27.19
CA GLY D 13 -9.23 14.05 27.31
C GLY D 13 -10.34 13.39 26.49
N LEU D 14 -10.03 13.03 25.24
CA LEU D 14 -11.03 12.38 24.42
C LEU D 14 -11.33 10.96 24.93
N TRP D 15 -10.30 10.24 25.36
CA TRP D 15 -10.49 8.86 25.80
C TRP D 15 -11.57 8.76 26.87
N GLY D 16 -11.53 9.65 27.88
CA GLY D 16 -12.51 9.62 28.94
C GLY D 16 -13.95 9.68 28.49
N LYS D 17 -14.18 10.16 27.28
CA LYS D 17 -15.52 10.26 26.73
C LYS D 17 -15.85 9.21 25.69
N VAL D 18 -14.92 8.31 25.39
CA VAL D 18 -15.20 7.30 24.37
C VAL D 18 -16.11 6.23 24.93
N ASN D 19 -17.11 5.84 24.15
CA ASN D 19 -17.94 4.69 24.47
C ASN D 19 -17.21 3.46 23.95
N VAL D 20 -16.44 2.84 24.84
CA VAL D 20 -15.54 1.76 24.42
C VAL D 20 -16.31 0.64 23.72
N ALA D 21 -17.42 0.19 24.32
CA ALA D 21 -18.17 -0.91 23.76
C ALA D 21 -18.75 -0.54 22.40
N ASP D 22 -19.41 0.62 22.31
CA ASP D 22 -20.08 0.99 21.06
C ASP D 22 -19.07 1.34 19.98
N CYS D 23 -18.05 2.14 20.33
CA CYS D 23 -17.09 2.54 19.32
C CYS D 23 -16.26 1.35 18.85
N GLY D 24 -15.86 0.48 19.78
CA GLY D 24 -15.11 -0.70 19.39
C GLY D 24 -15.90 -1.63 18.50
N ALA D 25 -17.16 -1.88 18.87
CA ALA D 25 -17.99 -2.73 18.01
C ALA D 25 -18.10 -2.12 16.63
N GLU D 26 -18.28 -0.80 16.57
CA GLU D 26 -18.51 -0.17 15.27
C GLU D 26 -17.24 -0.17 14.43
N ALA D 27 -16.06 -0.05 15.05
CA ALA D 27 -14.84 -0.02 14.28
C ALA D 27 -14.57 -1.38 13.66
N LEU D 28 -14.72 -2.44 14.45
CA LEU D 28 -14.50 -3.78 13.92
C LEU D 28 -15.51 -4.12 12.82
N ALA D 29 -16.78 -3.75 13.04
CA ALA D 29 -17.81 -3.98 12.03
C ALA D 29 -17.44 -3.31 10.72
N ARG D 30 -17.00 -2.04 10.78
CA ARG D 30 -16.65 -1.33 9.56
C ARG D 30 -15.44 -1.95 8.86
N LEU D 31 -14.44 -2.40 9.61
CA LEU D 31 -13.32 -3.13 9.00
C LEU D 31 -13.84 -4.29 8.16
N LEU D 32 -14.74 -5.09 8.73
CA LEU D 32 -15.21 -6.30 8.06
C LEU D 32 -16.10 -5.95 6.87
N ILE D 33 -16.77 -4.81 6.93
CA ILE D 33 -17.70 -4.42 5.86
C ILE D 33 -17.01 -3.65 4.76
N VAL D 34 -16.16 -2.69 5.12
CA VAL D 34 -15.45 -1.86 4.15
C VAL D 34 -14.30 -2.63 3.50
N TYR D 35 -13.60 -3.49 4.25
CA TYR D 35 -12.46 -4.25 3.77
C TYR D 35 -12.74 -5.75 3.92
N PRO D 36 -13.59 -6.31 3.06
CA PRO D 36 -14.17 -7.63 3.36
C PRO D 36 -13.18 -8.79 3.38
N TRP D 37 -11.99 -8.65 2.80
CA TRP D 37 -11.02 -9.73 2.92
C TRP D 37 -10.61 -9.97 4.37
N THR D 38 -10.76 -8.96 5.24
CA THR D 38 -10.42 -9.17 6.65
C THR D 38 -11.34 -10.21 7.29
N GLN D 39 -12.47 -10.53 6.65
CA GLN D 39 -13.38 -11.50 7.23
C GLN D 39 -12.76 -12.90 7.33
N ARG D 40 -11.65 -13.10 6.63
CA ARG D 40 -10.98 -14.42 6.58
C ARG D 40 -10.38 -14.76 7.94
N PHE D 41 -9.99 -13.74 8.70
CA PHE D 41 -9.39 -13.98 10.01
C PHE D 41 -10.42 -14.28 11.10
N PHE D 42 -11.70 -14.13 10.81
CA PHE D 42 -12.73 -14.11 11.85
C PHE D 42 -13.82 -15.17 11.63
N ALA D 43 -13.50 -16.26 10.91
CA ALA D 43 -14.50 -17.31 10.69
C ALA D 43 -14.99 -17.93 12.00
N SER D 44 -14.17 -17.93 13.04
CA SER D 44 -14.61 -18.44 14.33
C SER D 44 -15.81 -17.69 14.89
N PHE D 45 -16.12 -16.49 14.37
CA PHE D 45 -17.19 -15.64 14.85
C PHE D 45 -18.55 -15.99 14.23
N GLY D 46 -18.60 -16.88 13.25
CA GLY D 46 -19.87 -17.35 12.70
C GLY D 46 -20.35 -16.46 11.57
N ASN D 47 -21.57 -15.96 11.70
CA ASN D 47 -22.27 -15.31 10.60
C ASN D 47 -21.72 -13.90 10.36
N LEU D 48 -20.92 -13.76 9.29
CA LEU D 48 -20.45 -12.48 8.79
C LEU D 48 -20.94 -12.22 7.37
N SER D 49 -22.13 -12.72 7.04
CA SER D 49 -22.56 -12.86 5.64
C SER D 49 -23.20 -11.61 5.05
N SER D 50 -23.45 -10.57 5.85
CA SER D 50 -24.04 -9.33 5.39
C SER D 50 -23.68 -8.23 6.38
N PRO D 51 -23.82 -6.96 5.99
CA PRO D 51 -23.60 -5.89 6.98
C PRO D 51 -24.51 -6.03 8.20
N THR D 52 -25.77 -6.38 7.99
CA THR D 52 -26.69 -6.60 9.09
C THR D 52 -26.18 -7.67 10.04
N ALA D 53 -25.75 -8.83 9.49
CA ALA D 53 -25.31 -9.93 10.34
C ALA D 53 -24.04 -9.56 11.11
N ILE D 54 -23.14 -8.81 10.49
CA ILE D 54 -21.89 -8.43 11.13
C ILE D 54 -22.16 -7.48 12.30
N LEU D 55 -22.98 -6.44 12.07
CA LEU D 55 -23.27 -5.47 13.11
C LEU D 55 -24.11 -6.07 14.23
N GLY D 56 -24.86 -7.13 13.95
CA GLY D 56 -25.62 -7.77 15.00
C GLY D 56 -24.93 -8.97 15.61
N ASN D 57 -23.70 -9.24 15.18
CA ASN D 57 -22.99 -10.44 15.60
C ASN D 57 -22.42 -10.26 17.00
N PRO D 58 -22.85 -11.04 18.00
CA PRO D 58 -22.35 -10.83 19.37
C PRO D 58 -20.84 -10.96 19.53
N MET D 59 -20.20 -11.91 18.80
CA MET D 59 -18.76 -12.06 18.96
C MET D 59 -18.01 -10.90 18.34
N VAL D 60 -18.50 -10.36 17.23
CA VAL D 60 -17.91 -9.14 16.65
C VAL D 60 -17.99 -7.99 17.64
N ARG D 61 -19.15 -7.79 18.26
CA ARG D 61 -19.29 -6.69 19.21
C ARG D 61 -18.37 -6.89 20.40
N ALA D 62 -18.30 -8.12 20.92
CA ALA D 62 -17.45 -8.39 22.08
C ALA D 62 -15.98 -8.22 21.72
N HIS D 63 -15.57 -8.67 20.53
CA HIS D 63 -14.18 -8.55 20.14
C HIS D 63 -13.78 -7.08 19.97
N GLY D 64 -14.62 -6.31 19.28
CA GLY D 64 -14.32 -4.89 19.14
C GLY D 64 -14.14 -4.16 20.46
N LYS D 65 -14.95 -4.51 21.47
CA LYS D 65 -14.74 -3.88 22.77
C LYS D 65 -13.37 -4.25 23.31
N LYS D 66 -12.94 -5.49 23.11
CA LYS D 66 -11.60 -5.88 23.57
C LYS D 66 -10.52 -5.12 22.81
N VAL D 67 -10.73 -4.89 21.51
CA VAL D 67 -9.71 -4.21 20.73
C VAL D 67 -9.58 -2.76 21.18
N LEU D 68 -10.69 -2.06 21.33
CA LEU D 68 -10.61 -0.67 21.75
C LEU D 68 -10.11 -0.56 23.18
N THR D 69 -10.47 -1.52 24.03
CA THR D 69 -9.93 -1.54 25.40
C THR D 69 -8.40 -1.55 25.40
N SER D 70 -7.79 -2.35 24.52
CA SER D 70 -6.33 -2.36 24.46
C SER D 70 -5.77 -1.03 23.98
N PHE D 71 -6.47 -0.37 23.04
CA PHE D 71 -6.09 1.00 22.70
C PHE D 71 -6.06 1.88 23.94
N GLY D 72 -6.94 1.63 24.89
CA GLY D 72 -6.91 2.37 26.14
C GLY D 72 -5.68 2.10 26.97
N ASP D 73 -5.15 0.87 26.91
CA ASP D 73 -3.92 0.56 27.63
C ASP D 73 -2.74 1.36 27.08
N ALA D 74 -2.82 1.77 25.81
CA ALA D 74 -1.82 2.68 25.28
C ALA D 74 -2.04 4.10 25.79
N VAL D 75 -3.30 4.54 25.87
CA VAL D 75 -3.61 5.85 26.42
C VAL D 75 -3.04 6.01 27.83
N LYS D 76 -3.20 4.97 28.63
CA LYS D 76 -2.77 5.00 30.05
C LYS D 76 -1.25 5.15 30.20
N ASN D 77 -0.46 4.58 29.28
CA ASN D 77 1.00 4.57 29.35
C ASN D 77 1.56 4.78 27.93
N LEU D 78 1.58 6.05 27.50
CA LEU D 78 1.93 6.39 26.12
C LEU D 78 3.41 6.14 25.80
N ASP D 79 4.29 6.17 26.80
CA ASP D 79 5.71 5.96 26.56
C ASP D 79 6.12 4.49 26.59
N ASN D 80 5.20 3.60 26.97
CA ASN D 80 5.47 2.17 27.11
C ASN D 80 4.71 1.34 26.09
N ILE D 81 4.23 1.96 25.00
CA ILE D 81 3.35 1.26 24.06
C ILE D 81 4.05 0.01 23.52
N LYS D 82 5.32 0.12 23.21
CA LYS D 82 6.09 -1.02 22.67
C LYS D 82 5.95 -2.28 23.54
N ASN D 83 6.15 -2.15 24.85
CA ASN D 83 6.07 -3.31 25.72
C ASN D 83 4.64 -3.74 26.00
N THR D 84 3.70 -2.79 26.07
CA THR D 84 2.31 -3.15 26.33
C THR D 84 1.76 -4.06 25.25
N PHE D 85 2.21 -3.90 24.00
CA PHE D 85 1.66 -4.63 22.87
C PHE D 85 2.57 -5.74 22.37
N SER D 86 3.63 -6.06 23.11
CA SER D 86 4.58 -7.07 22.66
C SER D 86 3.94 -8.44 22.55
N GLN D 87 3.08 -8.81 23.52
CA GLN D 87 2.45 -10.12 23.43
C GLN D 87 1.42 -10.14 22.31
N LEU D 88 0.65 -9.06 22.17
CA LEU D 88 -0.28 -8.97 21.05
C LEU D 88 0.46 -9.01 19.72
N SER D 89 1.70 -8.54 19.67
CA SER D 89 2.47 -8.59 18.44
C SER D 89 2.79 -10.03 18.06
N GLU D 90 3.24 -10.84 19.02
CA GLU D 90 3.46 -12.26 18.74
C GLU D 90 2.20 -12.91 18.17
N LEU D 91 1.06 -12.64 18.78
CA LEU D 91 -0.21 -13.21 18.30
C LEU D 91 -0.49 -12.80 16.86
N HIS D 92 -0.48 -11.50 16.57
CA HIS D 92 -0.87 -11.06 15.23
C HIS D 92 0.16 -11.40 14.17
N CYS D 93 1.45 -11.39 14.54
CA CYS D 93 2.51 -11.58 13.54
C CYS D 93 2.85 -13.07 13.44
N ASP D 94 3.38 -13.64 14.53
CA ASP D 94 3.85 -15.01 14.48
C ASP D 94 2.70 -16.00 14.32
N LYS D 95 1.57 -15.76 14.99
CA LYS D 95 0.52 -16.76 15.02
C LYS D 95 -0.56 -16.54 13.96
N LEU D 96 -1.04 -15.31 13.80
N LEU D 96 -1.04 -15.31 13.79
CA LEU D 96 -2.15 -15.04 12.90
CA LEU D 96 -2.16 -15.07 12.87
C LEU D 96 -1.71 -14.64 11.49
C LEU D 96 -1.70 -14.65 11.48
N HIS D 97 -0.78 -14.27 11.29
CA HIS D 97 -0.08 -13.71 10.11
C HIS D 97 -0.90 -12.59 9.45
N VAL D 98 -1.36 -11.64 10.23
CA VAL D 98 -2.09 -10.49 9.71
C VAL D 98 -1.10 -9.54 9.04
N ASP D 99 -1.36 -9.20 7.78
CA ASP D 99 -0.45 -8.23 7.16
C ASP D 99 -0.58 -6.88 7.85
N PRO D 100 0.53 -6.20 8.13
CA PRO D 100 0.45 -4.94 8.90
C PRO D 100 -0.29 -3.82 8.18
N GLU D 101 -0.39 -3.86 6.85
CA GLU D 101 -1.27 -2.91 6.19
C GLU D 101 -2.67 -2.91 6.81
N ASN D 102 -3.14 -4.06 7.29
CA ASN D 102 -4.47 -4.09 7.87
C ASN D 102 -4.52 -3.36 9.23
N PHE D 103 -3.41 -3.32 9.97
CA PHE D 103 -3.38 -2.50 11.19
C PHE D 103 -3.64 -1.03 10.88
N ARG D 104 -3.03 -0.53 9.81
CA ARG D 104 -3.27 0.83 9.37
C ARG D 104 -4.74 1.04 9.02
N LEU D 105 -5.33 0.09 8.30
CA LEU D 105 -6.73 0.24 7.89
C LEU D 105 -7.65 0.29 9.10
N LEU D 106 -7.41 -0.57 10.10
CA LEU D 106 -8.20 -0.52 11.33
C LEU D 106 -8.06 0.83 12.02
N GLY D 107 -6.82 1.37 12.08
CA GLY D 107 -6.61 2.68 12.70
C GLY D 107 -7.36 3.79 11.99
N ASP D 108 -7.26 3.83 10.66
CA ASP D 108 -8.00 4.84 9.90
C ASP D 108 -9.50 4.73 10.17
N ILE D 109 -10.02 3.52 10.24
CA ILE D 109 -11.44 3.32 10.51
C ILE D 109 -11.79 3.82 11.91
N LEU D 110 -10.91 3.56 12.88
CA LEU D 110 -11.20 4.04 14.23
C LEU D 110 -11.26 5.56 14.28
N ILE D 111 -10.38 6.23 13.55
CA ILE D 111 -10.41 7.68 13.48
C ILE D 111 -11.74 8.15 12.91
N ILE D 112 -12.22 7.52 11.85
CA ILE D 112 -13.51 7.91 11.29
C ILE D 112 -14.63 7.65 12.30
N VAL D 113 -14.54 6.57 13.08
CA VAL D 113 -15.58 6.30 14.09
C VAL D 113 -15.52 7.36 15.21
N LEU D 114 -14.33 7.80 15.58
CA LEU D 114 -14.26 8.82 16.62
C LEU D 114 -14.77 10.16 16.11
N ALA D 115 -14.51 10.48 14.85
CA ALA D 115 -15.07 11.69 14.27
C ALA D 115 -16.59 11.65 14.27
N ALA D 116 -17.19 10.50 13.92
CA ALA D 116 -18.64 10.36 13.95
C ALA D 116 -19.19 10.56 15.35
N HIS D 117 -18.50 10.02 16.35
CA HIS D 117 -18.94 10.07 17.77
C HIS D 117 -18.74 11.45 18.40
N PHE D 118 -17.73 12.20 17.98
CA PHE D 118 -17.44 13.47 18.64
C PHE D 118 -17.80 14.71 17.83
N SER D 119 -18.11 14.56 16.54
CA SER D 119 -18.45 15.69 15.67
C SER D 119 -17.37 16.76 15.80
N LYS D 120 -17.72 18.04 15.98
CA LYS D 120 -16.76 19.13 15.83
C LYS D 120 -15.78 19.21 16.98
N ASP D 121 -16.07 18.55 18.10
CA ASP D 121 -15.06 18.41 19.15
C ASP D 121 -13.87 17.60 18.69
N PHE D 122 -13.98 16.87 17.58
CA PHE D 122 -12.83 16.16 17.00
C PHE D 122 -12.08 17.13 16.09
N THR D 123 -11.38 18.07 16.74
CA THR D 123 -10.68 19.13 16.03
C THR D 123 -9.59 18.57 15.12
N PRO D 124 -9.10 19.36 14.16
CA PRO D 124 -7.92 18.91 13.39
C PRO D 124 -6.74 18.53 14.27
N GLU D 125 -6.52 19.26 15.35
CA GLU D 125 -5.42 18.95 16.26
C GLU D 125 -5.67 17.66 17.04
N CYS D 126 -6.93 17.40 17.39
N CYS D 126 -6.94 17.39 17.39
CA CYS D 126 -7.29 16.14 18.01
CA CYS D 126 -7.27 16.12 18.02
C CYS D 126 -7.04 14.98 17.05
C CYS D 126 -7.07 14.96 17.05
N GLN D 127 -7.54 15.11 15.82
CA GLN D 127 -7.33 14.08 14.81
C GLN D 127 -5.84 13.80 14.60
N ALA D 128 -5.01 14.84 14.58
CA ALA D 128 -3.58 14.64 14.37
C ALA D 128 -2.97 13.84 15.51
N ALA D 129 -3.39 14.14 16.73
CA ALA D 129 -2.86 13.42 17.88
C ALA D 129 -3.32 11.97 17.88
N TRP D 130 -4.60 11.72 17.55
CA TRP D 130 -5.13 10.36 17.55
C TRP D 130 -4.61 9.56 16.36
N GLN D 131 -4.43 10.22 15.20
CA GLN D 131 -3.78 9.55 14.09
C GLN D 131 -2.36 9.11 14.51
N LYS D 132 -1.65 9.98 15.22
CA LYS D 132 -0.34 9.61 15.73
C LYS D 132 -0.44 8.41 16.67
N LEU D 133 -1.45 8.39 17.53
CA LEU D 133 -1.59 7.28 18.45
C LEU D 133 -1.83 5.95 17.72
N VAL D 134 -2.73 5.94 16.72
CA VAL D 134 -3.02 4.67 16.07
C VAL D 134 -1.83 4.22 15.22
N ARG D 135 -1.05 5.18 14.76
CA ARG D 135 0.16 4.87 13.97
C ARG D 135 1.21 4.22 14.88
N VAL D 136 1.31 4.69 16.12
CA VAL D 136 2.32 4.17 17.06
C VAL D 136 1.91 2.79 17.56
N VAL D 137 0.62 2.59 17.84
CA VAL D 137 0.14 1.27 18.23
C VAL D 137 0.35 0.28 17.09
N ALA D 138 0.03 0.67 15.86
CA ALA D 138 0.23 -0.24 14.74
C ALA D 138 1.69 -0.60 14.54
N HIS D 139 2.59 0.34 14.85
CA HIS D 139 4.04 0.08 14.74
C HIS D 139 4.44 -0.93 15.81
N ALA D 140 3.90 -0.75 17.01
CA ALA D 140 4.21 -1.68 18.09
C ALA D 140 3.61 -3.06 17.82
N LEU D 141 2.46 -3.11 17.17
CA LEU D 141 1.84 -4.41 16.87
C LEU D 141 2.66 -5.18 15.82
N ALA D 142 3.34 -4.46 14.95
CA ALA D 142 4.13 -5.10 13.90
C ALA D 142 5.55 -5.43 14.33
N ARG D 143 5.92 -5.17 15.59
CA ARG D 143 7.32 -5.33 15.98
C ARG D 143 7.85 -6.73 15.68
N LYS D 144 7.04 -7.77 15.91
CA LYS D 144 7.59 -9.12 15.82
C LYS D 144 7.86 -9.56 14.38
N TYR D 145 7.41 -8.80 13.38
CA TYR D 145 7.81 -9.08 12.00
C TYR D 145 9.25 -8.68 11.72
N HIS D 146 9.88 -7.94 12.62
CA HIS D 146 11.26 -7.51 12.42
C HIS D 146 12.13 -7.93 13.59
CHA HEM E . -7.11 -20.09 -8.28
CHB HEM E . -5.16 -16.99 -11.47
CHC HEM E . -3.40 -14.45 -7.70
CHD HEM E . -4.70 -17.98 -4.63
C1A HEM E . -6.74 -19.50 -9.46
C2A HEM E . -7.08 -19.96 -10.81
C3A HEM E . -6.53 -19.10 -11.70
C4A HEM E . -5.84 -18.07 -10.95
CMA HEM E . -6.63 -19.19 -13.24
CAA HEM E . -7.90 -21.22 -11.15
CBA HEM E . -9.38 -20.86 -11.21
CGA HEM E . -10.22 -22.05 -11.58
O1A HEM E . -11.46 -21.88 -11.73
O2A HEM E . -9.64 -23.16 -11.73
C1B HEM E . -4.54 -16.01 -10.72
C2B HEM E . -3.89 -14.84 -11.26
C3B HEM E . -3.41 -14.13 -10.22
C4B HEM E . -3.73 -14.83 -9.00
CMB HEM E . -3.86 -14.55 -12.78
CAB HEM E . -2.63 -12.79 -10.24
CBB HEM E . -1.96 -12.36 -11.32
C1C HEM E . -3.53 -15.20 -6.55
C2C HEM E . -2.90 -14.91 -5.27
C3C HEM E . -3.28 -15.88 -4.40
C4C HEM E . -4.10 -16.83 -5.12
CMC HEM E . -2.02 -13.68 -4.99
CAC HEM E . -2.87 -16.07 -2.91
CBC HEM E . -1.75 -15.55 -2.40
C1D HEM E . -5.46 -18.86 -5.37
C2D HEM E . -6.08 -20.07 -4.84
C3D HEM E . -6.75 -20.66 -5.83
C4D HEM E . -6.59 -19.85 -7.03
CMD HEM E . -5.94 -20.55 -3.38
CAD HEM E . -7.54 -21.99 -5.72
CBD HEM E . -6.66 -23.06 -6.39
CGD HEM E . -7.29 -24.44 -6.42
O1D HEM E . -6.99 -25.17 -7.39
O2D HEM E . -8.06 -24.80 -5.49
NA HEM E . -6.00 -18.33 -9.61
NB HEM E . -4.41 -15.98 -9.35
NC HEM E . -4.23 -16.37 -6.41
ND HEM E . -5.81 -18.75 -6.70
FE HEM E . -5.17 -17.30 -8.02
CHA HEM F . 20.50 9.83 -0.74
CHB HEM F . 20.53 5.08 0.41
CHC HEM F . 15.90 4.77 -0.85
CHD HEM F . 15.88 9.46 -2.16
C1A HEM F . 20.94 8.55 -0.38
C2A HEM F . 22.30 8.15 -0.09
C3A HEM F . 22.30 6.85 0.22
C4A HEM F . 20.95 6.36 0.15
CMA HEM F . 23.55 6.00 0.59
CAA HEM F . 23.59 9.01 -0.15
CBA HEM F . 23.44 10.33 0.58
CGA HEM F . 24.52 11.25 0.07
O1A HEM F . 25.51 10.74 -0.53
O2A HEM F . 24.39 12.49 0.27
C1B HEM F . 19.27 4.59 0.23
C2B HEM F . 18.83 3.24 0.55
C3B HEM F . 17.55 3.12 0.21
C4B HEM F . 17.12 4.41 -0.34
CMB HEM F . 19.73 2.15 1.19
CAB HEM F . 16.73 1.82 0.41
CBB HEM F . 15.44 1.73 0.09
C1C HEM F . 15.52 6.00 -1.36
C2C HEM F . 14.25 6.25 -1.98
C3C HEM F . 14.22 7.55 -2.34
C4C HEM F . 15.48 8.14 -1.96
CMC HEM F . 13.17 5.16 -2.15
CAC HEM F . 13.10 8.38 -3.05
CBC HEM F . 11.94 7.90 -3.52
C1D HEM F . 17.13 9.97 -1.90
C2D HEM F . 17.56 11.32 -2.18
C3D HEM F . 18.83 11.45 -1.80
C4D HEM F . 19.26 10.16 -1.25
CMD HEM F . 16.68 12.41 -2.82
CAD HEM F . 19.66 12.75 -1.93
CBD HEM F . 20.54 12.65 -3.17
CGD HEM F . 21.32 13.92 -3.38
O1D HEM F . 22.50 13.82 -3.77
O2D HEM F . 20.76 15.02 -3.16
NA HEM F . 20.14 7.43 -0.21
NB HEM F . 18.19 5.26 -0.32
NC HEM F . 16.25 7.16 -1.38
ND HEM F . 18.19 9.29 -1.33
FE HEM F . 18.18 7.29 -0.73
CHA HEM G . -4.74 20.94 -8.03
CHB HEM G . -8.56 17.99 -7.38
CHC HEM G . -5.69 15.23 -4.61
CHD HEM G . -2.12 18.57 -4.73
C1A HEM G . -6.01 20.41 -8.05
C2A HEM G . -7.16 21.02 -8.69
C3A HEM G . -8.22 20.23 -8.51
C4A HEM G . -7.78 19.06 -7.77
CMA HEM G . -9.65 20.49 -9.02
CAA HEM G . -7.13 22.39 -9.40
CBA HEM G . -7.00 22.21 -10.91
CGA HEM G . -6.89 23.56 -11.58
O1A HEM G . -6.38 23.62 -12.73
O2A HEM G . -7.29 24.58 -10.97
C1B HEM G . -8.09 16.95 -6.58
C2B HEM G . -8.88 15.82 -6.13
C3B HEM G . -8.09 15.05 -5.37
C4B HEM G . -6.78 15.69 -5.30
CMB HEM G . -10.35 15.63 -6.55
CAB HEM G . -8.42 13.73 -4.63
CBB HEM G . -9.66 13.39 -4.30
C1C HEM G . -4.51 15.90 -4.36
C2C HEM G . -3.47 15.47 -3.45
C3C HEM G . -2.47 16.39 -3.50
C4C HEM G . -2.85 17.44 -4.40
CMC HEM G . -3.53 14.16 -2.63
CAC HEM G . -1.16 16.42 -2.69
CBC HEM G . -1.10 15.99 -1.42
C1D HEM G . -2.52 19.54 -5.63
C2D HEM G . -1.83 20.77 -5.95
C3D HEM G . -2.55 21.42 -6.87
C4D HEM G . -3.73 20.63 -7.14
CMD HEM G . -0.50 21.23 -5.33
CAD HEM G . -2.20 22.80 -7.50
CBD HEM G . -2.81 23.91 -6.65
CGD HEM G . -2.63 25.26 -7.31
O1D HEM G . -3.63 26.02 -7.36
O2D HEM G . -1.53 25.57 -7.80
NA HEM G . -6.43 19.20 -7.50
NB HEM G . -6.83 16.84 -6.04
NC HEM G . -4.09 17.11 -4.91
ND HEM G . -3.67 19.48 -6.39
FE HEM G . -5.27 18.13 -6.23
CHA HEM H . -7.05 -10.56 18.69
CHB HEM H . -6.05 -5.83 19.20
CHC HEM H . -5.79 -5.35 14.41
CHD HEM H . -7.17 -9.96 13.88
C1A HEM H . -6.85 -9.34 19.29
C2A HEM H . -6.97 -8.98 20.70
C3A HEM H . -6.70 -7.67 20.81
C4A HEM H . -6.41 -7.13 19.49
CMA HEM H . -6.70 -6.89 22.14
CAA HEM H . -7.34 -9.81 21.96
CBA HEM H . -7.57 -11.30 21.78
CGA HEM H . -8.59 -11.73 22.81
O1A HEM H . -8.99 -10.90 23.67
O2A HEM H . -9.01 -12.92 22.77
C1B HEM H . -5.79 -5.28 17.96
C2B HEM H . -5.28 -3.94 17.67
C3B HEM H . -5.23 -3.82 16.33
C4B HEM H . -5.69 -5.08 15.75
CMB HEM H . -4.90 -2.90 18.75
CAB HEM H . -4.74 -2.66 15.41
CBB HEM H . -3.89 -1.72 15.80
C1C HEM H . -6.22 -6.52 13.82
C2C HEM H . -6.53 -6.72 12.43
C3C HEM H . -6.90 -8.01 12.27
C4C HEM H . -6.85 -8.65 13.58
CMC HEM H . -6.38 -5.60 11.37
CAC HEM H . -7.31 -8.76 10.98
CBC HEM H . -7.47 -8.18 9.78
C1D HEM H . -7.30 -10.50 15.13
C2D HEM H . -7.78 -11.85 15.41
C3D HEM H . -7.75 -12.04 16.74
C4D HEM H . -7.25 -10.81 17.34
CMD HEM H . -8.23 -12.84 14.32
CAD HEM H . -8.18 -13.33 17.49
CBD HEM H . -9.67 -13.27 17.80
CGD HEM H . -10.17 -14.51 18.52
O1D HEM H . -10.92 -14.36 19.50
O2D HEM H . -9.80 -15.65 18.13
NA HEM H . -6.49 -8.18 18.61
NB HEM H . -6.04 -5.92 16.78
NC HEM H . -6.47 -7.71 14.49
ND HEM H . -6.97 -9.90 16.33
FE HEM H . -6.46 -7.96 16.59
#